data_8BQY
#
_entry.id   8BQY
#
_entity_poly.entity_id   1
_entity_poly.type   'polydeoxyribonucleotide'
_entity_poly.pdbx_seq_one_letter_code
;(DC)(DNR)(DG)(DT)(DT)(DNR)(DNR)(DG)(DT)(DT)(DT)(DT)(DT)(DC)(DC)(DG)(DT)(DT)(DNR)
(DC)(DG)(DT)
;
_entity_poly.pdbx_strand_id   A
#
loop_
_chem_comp.id
_chem_comp.type
_chem_comp.name
_chem_comp.formula
DC DNA linking 2'-DEOXYCYTIDINE-5'-MONOPHOSPHATE 'C9 H14 N3 O7 P'
DG DNA linking 2'-DEOXYGUANOSINE-5'-MONOPHOSPHATE 'C10 H14 N5 O7 P'
DNR DNA linking '2'-DEOXY-N3-PROTONATED CYTIDINE-5'-MONOPHOSPHATE' 'C9 H15 N3 O7 P 1'
DT DNA linking THYMIDINE-5'-MONOPHOSPHATE 'C10 H15 N2 O8 P'
#
# COMPACT_ATOMS: atom_id res chain seq x y z
P DNR A 2 -4.95 2.09 -4.52
OP1 DNR A 2 -6.33 2.59 -4.44
OP2 DNR A 2 -4.14 2.26 -5.74
O5' DNR A 2 -4.09 2.77 -3.34
C5' DNR A 2 -4.57 2.83 -2.00
C4' DNR A 2 -3.89 3.97 -1.23
O4' DNR A 2 -2.47 3.92 -1.35
C1' DNR A 2 -2.03 5.00 -2.16
N1 DNR A 2 -0.97 4.47 -3.07
C6 DNR A 2 -1.22 3.97 -4.32
C2 DNR A 2 0.33 4.46 -2.55
O2 DNR A 2 0.61 4.73 -1.39
N3 DNR A 2 1.34 4.09 -3.39
C4 DNR A 2 1.12 3.68 -4.64
N4 DNR A 2 2.16 3.52 -5.41
C5 DNR A 2 -0.20 3.60 -5.14
C2' DNR A 2 -3.26 5.66 -2.77
C3' DNR A 2 -4.32 5.35 -1.73
O3' DNR A 2 -4.25 6.23 -0.62
H5' DNR A 2 -4.36 1.87 -1.51
H5'' DNR A 2 -5.63 3.00 -2.00
H4' DNR A 2 -4.16 3.87 -0.18
H1' DNR A 2 -1.60 5.78 -1.52
H6 DNR A 2 -2.24 3.86 -4.68
HN3 DNR A 2 2.29 4.16 -3.02
H41 DNR A 2 3.10 3.70 -5.03
H42 DNR A 2 2.01 3.41 -6.41
H5 DNR A 2 -0.41 3.26 -6.15
H2' DNR A 2 -3.55 5.22 -3.72
H2'' DNR A 2 -3.11 6.72 -2.86
H3' DNR A 2 -5.32 5.34 -2.16
P DNR A 6 -3.19 4.78 4.53
OP1 DNR A 6 -3.78 6.11 4.21
OP2 DNR A 6 -3.48 4.15 5.83
O5' DNR A 6 -3.62 3.80 3.36
C5' DNR A 6 -3.34 2.43 3.42
C4' DNR A 6 -3.24 1.93 1.98
O4' DNR A 6 -2.12 2.49 1.33
C1' DNR A 6 -1.60 1.57 0.40
N1 DNR A 6 -0.13 1.66 0.42
C6 DNR A 6 0.57 1.95 1.56
C2 DNR A 6 0.53 1.44 -0.78
O2 DNR A 6 -0.03 1.23 -1.84
N3 DNR A 6 1.90 1.47 -0.75
C4 DNR A 6 2.60 1.72 0.35
N4 DNR A 6 3.88 1.56 0.28
C5 DNR A 6 1.93 1.97 1.57
C2' DNR A 6 -2.14 0.19 0.74
C3' DNR A 6 -3.05 0.41 1.94
O3' DNR A 6 -4.30 -0.10 1.61
H5' DNR A 6 -4.15 1.91 3.95
H5'' DNR A 6 -2.39 2.25 3.93
H4' DNR A 6 -4.15 2.19 1.44
H1' DNR A 6 -1.97 1.82 -0.59
H6 DNR A 6 0.02 2.16 2.49
HN3 DNR A 6 2.38 1.28 -1.63
H41 DNR A 6 4.33 1.33 -0.63
H42 DNR A 6 4.44 1.77 1.08
H5 DNR A 6 2.46 2.19 2.49
H2' DNR A 6 -1.36 -0.51 1.00
H2'' DNR A 6 -2.71 -0.20 -0.11
H3' DNR A 6 -2.61 0.03 2.86
P DNR A 7 -5.06 -1.20 2.48
OP1 DNR A 7 -6.41 -0.69 2.81
OP2 DNR A 7 -4.15 -1.69 3.54
O5' DNR A 7 -5.18 -2.33 1.38
C5' DNR A 7 -5.85 -2.10 0.15
C4' DNR A 7 -5.48 -3.20 -0.85
O4' DNR A 7 -4.07 -3.25 -0.99
C1' DNR A 7 -3.63 -4.54 -0.59
N1 DNR A 7 -2.32 -4.41 0.08
C6 DNR A 7 -2.17 -3.89 1.35
C2 DNR A 7 -1.20 -4.82 -0.63
O2 DNR A 7 -1.23 -5.18 -1.80
N3 DNR A 7 0.01 -4.76 -0.01
C4 DNR A 7 0.17 -4.30 1.22
N4 DNR A 7 1.39 -4.32 1.72
C5 DNR A 7 -0.94 -3.81 1.95
C2' DNR A 7 -4.73 -5.15 0.26
C3' DNR A 7 -5.97 -4.58 -0.39
O3' DNR A 7 -6.33 -5.31 -1.55
H5' DNR A 7 -5.53 -1.15 -0.27
H5'' DNR A 7 -6.92 -2.08 0.31
H4' DNR A 7 -5.94 -2.96 -1.81
H1' DNR A 7 -3.55 -5.17 -1.48
H6 DNR A 7 -3.04 -3.53 1.88
HN3 DNR A 7 0.81 -5.04 -0.57
H41 DNR A 7 2.16 -4.71 1.17
H42 DNR A 7 1.52 -4.25 2.72
H5 DNR A 7 -0.87 -3.43 2.95
H2' DNR A 7 -4.69 -4.85 1.30
H2'' DNR A 7 -4.73 -6.23 0.18
H3' DNR A 7 -6.81 -4.49 0.29
P DNR A 19 9.50 -4.30 3.97
OP1 DNR A 19 9.84 -5.72 3.87
OP2 DNR A 19 10.27 -3.41 4.86
O5' DNR A 19 9.40 -3.66 2.51
C5' DNR A 19 9.12 -2.29 2.38
C4' DNR A 19 8.64 -1.99 0.96
O4' DNR A 19 7.37 -2.55 0.72
C1' DNR A 19 6.69 -1.77 -0.24
N1 DNR A 19 5.25 -1.72 0.12
C6 DNR A 19 4.86 -1.50 1.41
C2 DNR A 19 4.31 -1.92 -0.89
O2 DNR A 19 4.58 -2.29 -2.03
N3 DNR A 19 3.01 -1.70 -0.59
C4 DNR A 19 2.60 -1.50 0.67
N4 DNR A 19 1.33 -1.33 0.87
C5 DNR A 19 3.54 -1.38 1.72
C2' DNR A 19 7.37 -0.40 -0.26
C3' DNR A 19 8.47 -0.48 0.78
O3' DNR A 19 9.69 0.06 0.31
H5' DNR A 19 10.03 -1.72 2.59
H5'' DNR A 19 8.34 -1.98 3.08
H4' DNR A 19 9.36 -2.37 0.23
H1' DNR A 19 6.83 -2.21 -1.22
H6 DNR A 19 5.62 -1.41 2.19
HN3 DNR A 19 2.33 -1.88 -1.33
H41 DNR A 19 0.67 -1.49 0.09
H42 DNR A 19 1.01 -1.24 1.82
H5 DNR A 19 3.24 -1.22 2.75
H2' DNR A 19 6.69 0.41 -0.02
H2'' DNR A 19 7.79 -0.24 -1.24
H3' DNR A 19 8.16 -0.02 1.71
P DNR A 2 -5.05 2.17 -4.07
OP1 DNR A 2 -6.42 2.70 -3.90
OP2 DNR A 2 -4.33 2.41 -5.34
O5' DNR A 2 -4.13 2.77 -2.92
C5' DNR A 2 -4.55 2.84 -1.57
C4' DNR A 2 -3.88 4.03 -0.87
O4' DNR A 2 -2.47 3.98 -1.04
C1' DNR A 2 -2.05 5.02 -1.89
N1 DNR A 2 -1.01 4.49 -2.81
C6 DNR A 2 -1.29 3.92 -4.04
C2 DNR A 2 0.30 4.54 -2.34
O2 DNR A 2 0.61 4.87 -1.20
N3 DNR A 2 1.29 4.17 -3.19
C4 DNR A 2 1.05 3.68 -4.40
N4 DNR A 2 2.08 3.49 -5.17
C5 DNR A 2 -0.27 3.54 -4.86
C2' DNR A 2 -3.30 5.63 -2.53
C3' DNR A 2 -4.34 5.37 -1.45
O3' DNR A 2 -4.28 6.34 -0.42
H5' DNR A 2 -4.30 1.92 -1.06
H5'' DNR A 2 -5.64 2.98 -1.52
H4' DNR A 2 -4.12 3.99 0.19
H1' DNR A 2 -1.63 5.83 -1.30
H6 DNR A 2 -2.31 3.77 -4.36
HN3 DNR A 2 2.25 4.26 -2.86
H41 DNR A 2 3.02 3.71 -4.84
H42 DNR A 2 1.92 3.30 -6.17
H5 DNR A 2 -0.50 3.15 -5.84
H2' DNR A 2 -3.61 5.13 -3.45
H2'' DNR A 2 -3.17 6.69 -2.69
H3' DNR A 2 -5.35 5.31 -1.86
P DNR A 6 -1.34 2.89 5.42
OP1 DNR A 6 -2.46 3.28 6.30
OP2 DNR A 6 -0.14 2.24 5.98
O5' DNR A 6 -1.87 2.01 4.19
C5' DNR A 6 -3.11 2.27 3.58
C4' DNR A 6 -3.09 1.72 2.15
O4' DNR A 6 -2.06 2.39 1.44
C1' DNR A 6 -1.46 1.51 0.52
N1 DNR A 6 0.00 1.67 0.49
C6 DNR A 6 0.74 1.86 1.64
C2 DNR A 6 0.62 1.49 -0.73
O2 DNR A 6 0.03 1.36 -1.79
N3 DNR A 6 1.98 1.45 -0.75
C4 DNR A 6 2.72 1.60 0.34
N4 DNR A 6 4.01 1.39 0.21
C5 DNR A 6 2.11 1.82 1.60
C2' DNR A 6 -1.90 0.09 0.87
C3' DNR A 6 -2.79 0.22 2.10
O3' DNR A 6 -3.89 -0.58 1.75
H5' DNR A 6 -3.29 3.34 3.53
H5'' DNR A 6 -3.92 1.80 4.15
H4' DNR A 6 -4.05 1.91 1.67
H1' DNR A 6 -1.88 1.74 -0.45
H6 DNR A 6 0.23 2.01 2.59
HN3 DNR A 6 2.44 1.27 -1.64
H41 DNR A 6 4.41 1.21 -0.73
H42 DNR A 6 4.61 1.56 0.99
H5 DNR A 6 2.67 1.94 2.51
H2' DNR A 6 -1.06 -0.55 1.12
H2'' DNR A 6 -2.44 -0.33 0.03
H3' DNR A 6 -2.28 -0.14 2.99
P DNR A 7 -5.12 -0.83 2.75
OP1 DNR A 7 -5.92 0.41 2.83
OP2 DNR A 7 -4.57 -1.47 3.96
O5' DNR A 7 -5.92 -1.94 1.91
C5' DNR A 7 -6.44 -1.64 0.62
C4' DNR A 7 -5.92 -2.64 -0.43
O4' DNR A 7 -4.50 -2.64 -0.47
C1' DNR A 7 -4.06 -3.97 -0.29
N1 DNR A 7 -2.75 -3.97 0.42
C6 DNR A 7 -2.63 -3.55 1.73
C2 DNR A 7 -1.63 -4.40 -0.29
O2 DNR A 7 -1.64 -4.74 -1.46
N3 DNR A 7 -0.44 -4.41 0.38
C4 DNR A 7 -0.31 -4.02 1.64
N4 DNR A 7 0.89 -4.06 2.16
C5 DNR A 7 -1.43 -3.56 2.37
C2' DNR A 7 -5.16 -4.69 0.46
C3' DNR A 7 -6.39 -4.08 -0.19
O3' DNR A 7 -6.67 -4.66 -1.45
H5' DNR A 7 -6.16 -0.64 0.31
H5'' DNR A 7 -7.52 -1.71 0.66
H4' DNR A 7 -6.30 -2.32 -1.41
H1' DNR A 7 -3.96 -4.44 -1.27
H6 DNR A 7 -3.51 -3.20 2.26
HN3 DNR A 7 0.37 -4.72 -0.16
H41 DNR A 7 1.66 -4.46 1.61
H42 DNR A 7 0.96 -4.05 3.16
H5 DNR A 7 -1.38 -3.23 3.39
H2' DNR A 7 -5.16 -4.45 1.53
H2'' DNR A 7 -5.13 -5.76 0.32
H3' DNR A 7 -7.26 -4.11 0.47
P DNR A 19 9.49 -4.78 3.50
OP1 DNR A 19 9.88 -6.18 3.27
OP2 DNR A 19 10.20 -3.95 4.49
O5' DNR A 19 9.42 -3.99 2.10
C5' DNR A 19 9.19 -2.60 2.09
C4' DNR A 19 8.68 -2.18 0.71
O4' DNR A 19 7.40 -2.74 0.47
C1' DNR A 19 6.68 -1.92 -0.40
N1 DNR A 19 5.27 -1.90 0.02
C6 DNR A 19 4.93 -1.81 1.34
C2 DNR A 19 4.29 -1.99 -0.96
O2 DNR A 19 4.49 -2.27 -2.13
N3 DNR A 19 3.01 -1.74 -0.59
C4 DNR A 19 2.67 -1.64 0.69
N4 DNR A 19 1.43 -1.37 0.94
C5 DNR A 19 3.63 -1.67 1.72
C2' DNR A 19 7.33 -0.54 -0.37
C3' DNR A 19 8.47 -0.67 0.64
O3' DNR A 19 9.65 -0.05 0.18
H5' DNR A 19 10.11 -2.07 2.32
H5'' DNR A 19 8.43 -2.34 2.83
H4' DNR A 19 9.38 -2.50 -0.07
H1' DNR A 19 6.78 -2.30 -1.42
H6 DNR A 19 5.72 -1.84 2.09
HN3 DNR A 19 2.30 -1.85 -1.32
H41 DNR A 19 0.74 -1.45 0.17
H42 DNR A 19 1.13 -1.35 1.90
H5 DNR A 19 3.39 -1.61 2.77
H2' DNR A 19 6.65 0.24 -0.06
H2'' DNR A 19 7.72 -0.32 -1.36
H3' DNR A 19 8.17 -0.28 1.61
P DNR A 2 -5.07 1.87 -4.22
OP1 DNR A 2 -6.48 2.33 -4.10
OP2 DNR A 2 -4.36 1.92 -5.51
O5' DNR A 2 -4.21 2.66 -3.14
C5' DNR A 2 -4.61 2.77 -1.78
C4' DNR A 2 -3.91 3.95 -1.09
O4' DNR A 2 -2.50 3.89 -1.28
C1' DNR A 2 -2.09 4.97 -2.10
N1 DNR A 2 -1.03 4.44 -3.01
C6 DNR A 2 -1.26 3.96 -4.28
C2 DNR A 2 0.26 4.45 -2.49
O2 DNR A 2 0.54 4.73 -1.33
N3 DNR A 2 1.28 4.09 -3.32
C4 DNR A 2 1.09 3.69 -4.57
N4 DNR A 2 2.15 3.53 -5.30
C5 DNR A 2 -0.22 3.60 -5.09
C2' DNR A 2 -3.35 5.56 -2.72
C3' DNR A 2 -4.37 5.30 -1.63
O3' DNR A 2 -4.29 6.24 -0.57
H5' DNR A 2 -4.37 1.84 -1.26
H5'' DNR A 2 -5.68 2.94 -1.73
H4' DNR A 2 -4.13 3.90 -0.02
H1' DNR A 2 -1.68 5.75 -1.48
H6 DNR A 2 -2.27 3.86 -4.65
HN3 DNR A 2 2.23 4.17 -2.96
H41 DNR A 2 3.09 3.74 -4.92
H42 DNR A 2 2.04 3.42 -6.31
H5 DNR A 2 -0.41 3.29 -6.10
H2' DNR A 2 -3.67 5.07 -3.64
H2'' DNR A 2 -3.24 6.62 -2.89
H3' DNR A 2 -5.39 5.26 -2.03
P DNR A 6 -3.05 4.31 5.01
OP1 DNR A 6 -3.71 5.63 5.04
OP2 DNR A 6 -3.16 3.39 6.16
O5' DNR A 6 -3.47 3.54 3.66
C5' DNR A 6 -3.25 2.14 3.51
C4' DNR A 6 -3.08 1.81 2.02
O4' DNR A 6 -1.89 2.42 1.56
C1' DNR A 6 -1.33 1.61 0.54
N1 DNR A 6 0.14 1.67 0.55
C6 DNR A 6 0.87 1.93 1.70
C2 DNR A 6 0.78 1.43 -0.65
O2 DNR A 6 0.20 1.22 -1.71
N3 DNR A 6 2.14 1.40 -0.65
C4 DNR A 6 2.86 1.63 0.45
N4 DNR A 6 4.15 1.48 0.35
C5 DNR A 6 2.23 1.91 1.69
C2' DNR A 6 -1.91 0.22 0.67
C3' DNR A 6 -2.92 0.30 1.81
O3' DNR A 6 -4.05 -0.34 1.26
H5' DNR A 6 -4.10 1.60 3.94
H5'' DNR A 6 -2.34 1.86 4.04
H4' DNR A 6 -3.93 2.18 1.46
H1' DNR A 6 -1.68 2.00 -0.41
H6 DNR A 6 0.33 2.15 2.61
HN3 DNR A 6 2.61 1.22 -1.53
H41 DNR A 6 4.57 1.29 -0.58
H42 DNR A 6 4.74 1.72 1.12
H5 DNR A 6 2.77 2.11 2.59
H2' DNR A 6 -1.16 -0.52 0.89
H2'' DNR A 6 -2.40 -0.01 -0.27
H3' DNR A 6 -2.55 -0.21 2.69
P DNR A 7 -5.43 -0.43 2.06
OP1 DNR A 7 -6.02 0.93 2.12
OP2 DNR A 7 -5.17 -1.19 3.29
O5' DNR A 7 -6.35 -1.30 1.06
C5' DNR A 7 -6.38 -2.71 1.11
C4' DNR A 7 -5.93 -3.29 -0.25
O4' DNR A 7 -4.53 -3.10 -0.43
C1' DNR A 7 -3.90 -4.35 -0.50
N1 DNR A 7 -2.56 -4.27 0.12
C6 DNR A 7 -2.39 -3.75 1.38
C2 DNR A 7 -1.47 -4.74 -0.61
O2 DNR A 7 -1.53 -5.14 -1.76
N3 DNR A 7 -0.25 -4.73 0.01
C4 DNR A 7 -0.07 -4.25 1.23
N4 DNR A 7 1.14 -4.31 1.74
C5 DNR A 7 -1.15 -3.72 1.97
C2' DNR A 7 -4.83 -5.32 0.20
C3' DNR A 7 -6.19 -4.79 -0.23
O3' DNR A 7 -6.51 -5.24 -1.53
H5' DNR A 7 -7.40 -3.01 1.30
H5'' DNR A 7 -5.73 -3.09 1.89
H4' DNR A 7 -6.50 -2.82 -1.04
H1' DNR A 7 -3.84 -4.70 -1.53
H6 DNR A 7 -3.24 -3.35 1.91
HN3 DNR A 7 0.54 -5.03 -0.55
H41 DNR A 7 1.92 -4.71 1.19
H42 DNR A 7 1.24 -4.30 2.74
H5 DNR A 7 -1.05 -3.35 2.97
H2' DNR A 7 -4.74 -5.26 1.28
H2'' DNR A 7 -4.68 -6.32 -0.19
H3' DNR A 7 -6.97 -5.06 0.48
P DNR A 19 9.78 -4.65 3.50
OP1 DNR A 19 10.27 -6.03 3.24
OP2 DNR A 19 10.41 -3.83 4.55
O5' DNR A 19 9.73 -3.82 2.13
C5' DNR A 19 9.36 -2.46 2.15
C4' DNR A 19 8.83 -2.03 0.78
O4' DNR A 19 7.59 -2.66 0.50
C1' DNR A 19 6.85 -1.83 -0.38
N1 DNR A 19 5.43 -1.87 0.04
C6 DNR A 19 5.08 -1.74 1.36
C2 DNR A 19 4.45 -1.97 -0.94
O2 DNR A 19 4.68 -2.24 -2.12
N3 DNR A 19 3.15 -1.78 -0.58
C4 DNR A 19 2.81 -1.67 0.71
N4 DNR A 19 1.57 -1.41 0.96
C5 DNR A 19 3.78 -1.64 1.73
C2' DNR A 19 7.43 -0.43 -0.28
C3' DNR A 19 8.53 -0.53 0.77
O3' DNR A 19 9.67 0.22 0.42
H5' DNR A 19 10.23 -1.86 2.41
H5'' DNR A 19 8.58 -2.30 2.89
H4' DNR A 19 9.55 -2.25 0.00
H1' DNR A 19 6.96 -2.18 -1.40
H6 DNR A 19 5.86 -1.71 2.10
HN3 DNR A 19 2.45 -1.91 -1.31
H41 DNR A 19 0.88 -1.54 0.20
H42 DNR A 19 1.27 -1.35 1.92
H5 DNR A 19 3.53 -1.53 2.78
H2' DNR A 19 6.71 0.33 0.00
H2'' DNR A 19 7.88 -0.18 -1.25
H3' DNR A 19 8.14 -0.23 1.75
P DNR A 2 -4.86 2.34 -4.72
OP1 DNR A 2 -6.21 2.92 -4.70
OP2 DNR A 2 -3.98 2.57 -5.89
O5' DNR A 2 -4.05 2.90 -3.46
C5' DNR A 2 -4.59 2.92 -2.16
C4' DNR A 2 -3.89 4.02 -1.34
O4' DNR A 2 -2.48 3.91 -1.46
C1' DNR A 2 -1.99 5.01 -2.22
N1 DNR A 2 -0.91 4.51 -3.12
C6 DNR A 2 -1.13 4.04 -4.39
C2 DNR A 2 0.37 4.51 -2.58
O2 DNR A 2 0.63 4.77 -1.42
N3 DNR A 2 1.41 4.18 -3.42
C4 DNR A 2 1.22 3.80 -4.68
N4 DNR A 2 2.29 3.65 -5.42
C5 DNR A 2 -0.09 3.72 -5.21
C2' DNR A 2 -3.19 5.70 -2.84
C3' DNR A 2 -4.28 5.42 -1.82
O3' DNR A 2 -4.21 6.30 -0.72
H5' DNR A 2 -4.43 1.96 -1.68
H5'' DNR A 2 -5.65 3.12 -2.18
H4' DNR A 2 -4.18 3.91 -0.30
H1' DNR A 2 -1.57 5.75 -1.53
H6 DNR A 2 -2.14 3.94 -4.76
HN3 DNR A 2 2.35 4.23 -3.04
H41 DNR A 2 3.22 3.81 -5.03
H42 DNR A 2 2.17 3.58 -6.43
H5 DNR A 2 -0.27 3.40 -6.22
H2' DNR A 2 -3.47 5.29 -3.81
H2'' DNR A 2 -3.01 6.76 -2.91
H3' DNR A 2 -5.27 5.43 -2.26
P DNR A 6 -1.92 3.12 5.18
OP1 DNR A 6 -3.10 3.59 5.92
OP2 DNR A 6 -0.86 2.36 5.87
O5' DNR A 6 -2.37 2.29 3.89
C5' DNR A 6 -3.51 2.69 3.12
C4' DNR A 6 -3.46 1.98 1.77
O4' DNR A 6 -2.34 2.45 1.03
C1' DNR A 6 -1.83 1.42 0.21
N1 DNR A 6 -0.35 1.48 0.30
C6 DNR A 6 0.29 1.66 1.49
C2 DNR A 6 0.35 1.42 -0.89
O2 DNR A 6 -0.16 1.33 -2.01
N3 DNR A 6 1.71 1.45 -0.82
C4 DNR A 6 2.38 1.60 0.32
N4 DNR A 6 3.67 1.46 0.27
C5 DNR A 6 1.66 1.70 1.54
C2' DNR A 6 -2.47 0.10 0.68
C3' DNR A 6 -3.33 0.46 1.89
O3' DNR A 6 -4.63 -0.08 1.81
H5' DNR A 6 -3.49 3.77 2.96
H5'' DNR A 6 -4.42 2.41 3.65
H4' DNR A 6 -4.36 2.22 1.21
H1' DNR A 6 -2.17 1.59 -0.80
H6 DNR A 6 -0.29 1.75 2.40
HN3 DNR A 6 2.24 1.34 -1.69
H41 DNR A 6 4.16 1.33 -0.63
H42 DNR A 6 4.20 1.62 1.11
H5 DNR A 6 2.14 1.83 2.49
H2' DNR A 6 -1.71 -0.64 0.96
H2'' DNR A 6 -3.08 -0.30 -0.12
H3' DNR A 6 -2.84 0.18 2.82
P DNR A 7 -4.96 -1.60 2.19
OP1 DNR A 7 -6.39 -1.72 2.52
OP2 DNR A 7 -3.94 -2.11 3.13
O5' DNR A 7 -4.71 -2.38 0.82
C5' DNR A 7 -5.50 -2.17 -0.33
C4' DNR A 7 -5.29 -3.36 -1.29
O4' DNR A 7 -3.90 -3.56 -1.50
C1' DNR A 7 -3.51 -4.77 -0.87
N1 DNR A 7 -2.22 -4.54 -0.17
C6 DNR A 7 -2.10 -4.12 1.13
C2 DNR A 7 -1.08 -4.78 -0.93
O2 DNR A 7 -1.09 -5.06 -2.12
N3 DNR A 7 0.13 -4.70 -0.30
C4 DNR A 7 0.25 -4.38 0.99
N4 DNR A 7 1.45 -4.45 1.51
C5 DNR A 7 -0.89 -4.03 1.74
C2' DNR A 7 -4.67 -5.28 -0.02
C3' DNR A 7 -5.87 -4.66 -0.73
O3' DNR A 7 -6.29 -5.48 -1.81
H5' DNR A 7 -5.20 -1.25 -0.82
H5'' DNR A 7 -6.56 -2.10 -0.07
H4' DNR A 7 -5.79 -3.13 -2.23
H1' DNR A 7 -3.38 -5.52 -1.65
H6 DNR A 7 -2.99 -3.84 1.70
HN3 DNR A 7 0.95 -4.89 -0.88
H41 DNR A 7 2.25 -4.74 0.93
H42 DNR A 7 1.58 -4.46 2.53
H5 DNR A 7 -0.85 -3.73 2.78
H2' DNR A 7 -4.66 -4.91 1.00
H2'' DNR A 7 -4.73 -6.35 -0.05
H3' DNR A 7 -6.70 -4.46 -0.04
P DNR A 19 8.81 -3.09 4.39
OP1 DNR A 19 9.70 -4.27 4.25
OP2 DNR A 19 9.03 -2.11 5.47
O5' DNR A 19 8.66 -2.33 2.99
C5' DNR A 19 9.28 -2.79 1.81
C4' DNR A 19 8.63 -2.14 0.60
O4' DNR A 19 7.33 -2.66 0.38
C1' DNR A 19 6.62 -1.75 -0.42
N1 DNR A 19 5.20 -1.78 -0.06
C6 DNR A 19 4.78 -1.66 1.24
C2 DNR A 19 4.26 -1.91 -1.08
O2 DNR A 19 4.54 -2.18 -2.24
N3 DNR A 19 2.95 -1.72 -0.78
C4 DNR A 19 2.53 -1.62 0.48
N4 DNR A 19 1.25 -1.46 0.66
C5 DNR A 19 3.46 -1.59 1.56
C2' DNR A 19 7.29 -0.39 -0.24
C3' DNR A 19 8.45 -0.63 0.72
O3' DNR A 19 9.64 0.00 0.31
H5' DNR A 19 9.17 -3.88 1.72
H5'' DNR A 19 10.33 -2.54 1.85
H4' DNR A 19 9.24 -2.35 -0.28
H1' DNR A 19 6.76 -2.04 -1.46
H6 DNR A 19 5.54 -1.65 2.03
HN3 DNR A 19 2.29 -1.84 -1.54
H41 DNR A 19 0.62 -1.55 -0.15
H42 DNR A 19 0.90 -1.42 1.60
H5 DNR A 19 3.16 -1.51 2.58
H2' DNR A 19 6.62 0.36 0.16
H2'' DNR A 19 7.67 -0.05 -1.20
H3' DNR A 19 8.16 -0.34 1.73
P DNR A 2 -5.06 2.10 -4.31
OP1 DNR A 2 -6.43 2.66 -4.20
OP2 DNR A 2 -4.31 2.19 -5.58
O5' DNR A 2 -4.15 2.78 -3.18
C5' DNR A 2 -4.58 2.83 -1.83
C4' DNR A 2 -3.84 3.94 -1.06
O4' DNR A 2 -2.42 3.87 -1.25
C1' DNR A 2 -1.99 5.01 -1.95
N1 DNR A 2 -0.89 4.57 -2.86
C6 DNR A 2 -1.13 4.01 -4.10
C2 DNR A 2 0.40 4.63 -2.35
O2 DNR A 2 0.68 4.97 -1.21
N3 DNR A 2 1.42 4.25 -3.17
C4 DNR A 2 1.22 3.77 -4.39
N4 DNR A 2 2.28 3.58 -5.13
C5 DNR A 2 -0.09 3.65 -4.89
C2' DNR A 2 -3.22 5.66 -2.56
C3' DNR A 2 -4.26 5.34 -1.51
O3' DNR A 2 -4.18 6.15 -0.35
H5' DNR A 2 -4.40 1.88 -1.35
H5'' DNR A 2 -5.65 3.04 -1.78
H4' DNR A 2 -4.07 3.82 0.00
H1' DNR A 2 -1.60 5.75 -1.25
H6 DNR A 2 -2.15 3.86 -4.44
HN3 DNR A 2 2.37 4.34 -2.82
H41 DNR A 2 3.22 3.79 -4.76
H42 DNR A 2 2.16 3.45 -6.13
H5 DNR A 2 -0.28 3.28 -5.89
H2' DNR A 2 -3.50 5.23 -3.51
H2'' DNR A 2 -3.09 6.73 -2.65
H3' DNR A 2 -5.27 5.34 -1.92
P DNR A 6 -3.58 4.86 4.33
OP1 DNR A 6 -4.26 6.12 3.94
OP2 DNR A 6 -3.78 4.32 5.69
O5' DNR A 6 -3.96 3.76 3.24
C5' DNR A 6 -3.52 2.43 3.41
C4' DNR A 6 -3.27 1.84 2.02
O4' DNR A 6 -2.15 2.48 1.43
C1' DNR A 6 -1.54 1.60 0.52
N1 DNR A 6 -0.08 1.78 0.50
C6 DNR A 6 0.63 2.02 1.64
C2 DNR A 6 0.56 1.58 -0.71
O2 DNR A 6 -0.02 1.38 -1.78
N3 DNR A 6 1.92 1.56 -0.71
C4 DNR A 6 2.63 1.75 0.40
N4 DNR A 6 3.92 1.54 0.31
C5 DNR A 6 1.99 2.00 1.63
C2' DNR A 6 -1.96 0.19 0.89
C3' DNR A 6 -2.89 0.35 2.07
O3' DNR A 6 -3.94 -0.49 1.72
H5' DNR A 6 -4.27 1.86 3.94
H5'' DNR A 6 -2.59 2.40 3.97
H4' DNR A 6 -4.16 1.96 1.39
H1' DNR A 6 -1.96 1.79 -0.47
H6 DNR A 6 0.10 2.21 2.56
HN3 DNR A 6 2.38 1.35 -1.58
H41 DNR A 6 4.34 1.36 -0.62
H42 DNR A 6 4.50 1.72 1.10
H5 DNR A 6 2.54 2.17 2.55
H2' DNR A 6 -1.11 -0.43 1.18
H2'' DNR A 6 -2.47 -0.26 0.03
H3' DNR A 6 -2.40 0.08 3.01
P DNR A 7 -5.03 -1.00 2.77
OP1 DNR A 7 -6.06 0.04 2.94
OP2 DNR A 7 -4.29 -1.56 3.92
O5' DNR A 7 -5.58 -2.19 1.87
C5' DNR A 7 -6.15 -1.95 0.59
C4' DNR A 7 -5.75 -3.05 -0.39
O4' DNR A 7 -4.33 -3.06 -0.56
C1' DNR A 7 -3.85 -4.34 -0.26
N1 DNR A 7 -2.50 -4.23 0.33
C6 DNR A 7 -2.29 -3.75 1.62
C2 DNR A 7 -1.42 -4.62 -0.44
O2 DNR A 7 -1.50 -4.98 -1.62
N3 DNR A 7 -0.18 -4.60 0.12
C4 DNR A 7 0.04 -4.20 1.38
N4 DNR A 7 1.26 -4.25 1.82
C5 DNR A 7 -1.04 -3.74 2.16
C2' DNR A 7 -4.88 -4.98 0.66
C3' DNR A 7 -6.18 -4.44 0.09
O3' DNR A 7 -6.62 -5.21 -1.01
H5' DNR A 7 -5.81 -1.00 0.19
H5'' DNR A 7 -7.24 -1.92 0.69
H4' DNR A 7 -6.23 -2.85 -1.35
H1' DNR A 7 -3.83 -4.93 -1.18
H6 DNR A 7 -3.13 -3.40 2.19
HN3 DNR A 7 0.61 -4.87 -0.47
H41 DNR A 7 2.02 -4.59 1.21
H42 DNR A 7 1.42 -4.29 2.82
H5 DNR A 7 -0.92 -3.40 3.17
H2' DNR A 7 -4.79 -4.65 1.69
H2'' DNR A 7 -4.86 -6.06 0.60
H3' DNR A 7 -6.96 -4.37 0.85
P DNR A 19 9.48 -4.59 3.81
OP1 DNR A 19 9.90 -6.00 3.70
OP2 DNR A 19 10.17 -3.67 4.73
O5' DNR A 19 9.37 -3.93 2.36
C5' DNR A 19 9.08 -2.56 2.24
C4' DNR A 19 8.62 -2.20 0.82
O4' DNR A 19 7.35 -2.75 0.53
C1' DNR A 19 6.67 -1.92 -0.39
N1 DNR A 19 5.26 -1.84 0.00
C6 DNR A 19 4.90 -1.71 1.32
C2 DNR A 19 4.30 -1.91 -0.99
O2 DNR A 19 4.51 -2.18 -2.17
N3 DNR A 19 3.00 -1.66 -0.64
C4 DNR A 19 2.64 -1.55 0.65
N4 DNR A 19 1.40 -1.30 0.89
C5 DNR A 19 3.60 -1.57 1.68
C2' DNR A 19 7.36 -0.55 -0.36
C3' DNR A 19 8.44 -0.69 0.72
O3' DNR A 19 9.66 -0.10 0.33
H5' DNR A 19 9.97 -1.98 2.49
H5'' DNR A 19 8.28 -2.29 2.94
H4' DNR A 19 9.36 -2.54 0.10
H1' DNR A 19 6.79 -2.30 -1.40
H6 DNR A 19 5.68 -1.75 2.08
HN3 DNR A 19 2.30 -1.77 -1.37
H41 DNR A 19 0.71 -1.42 0.13
H42 DNR A 19 1.10 -1.26 1.85
H5 DNR A 19 3.34 -1.48 2.72
H2' DNR A 19 6.69 0.27 -0.12
H2'' DNR A 19 7.83 -0.38 -1.32
H3' DNR A 19 8.08 -0.28 1.67
P DNR A 2 -5.38 1.41 -4.48
OP1 DNR A 2 -6.77 1.91 -4.47
OP2 DNR A 2 -4.63 1.31 -5.76
O5' DNR A 2 -4.50 2.34 -3.50
C5' DNR A 2 -4.84 2.48 -2.12
C4' DNR A 2 -4.05 3.60 -1.45
O4' DNR A 2 -2.65 3.47 -1.71
C1' DNR A 2 -2.19 4.62 -2.40
N1 DNR A 2 -1.09 4.22 -3.32
C6 DNR A 2 -1.30 3.77 -4.60
C2 DNR A 2 0.21 4.27 -2.81
O2 DNR A 2 0.48 4.56 -1.64
N3 DNR A 2 1.24 3.97 -3.65
C4 DNR A 2 1.05 3.59 -4.91
N4 DNR A 2 2.10 3.46 -5.68
C5 DNR A 2 -0.26 3.48 -5.43
C2' DNR A 2 -3.43 5.24 -3.03
C3' DNR A 2 -4.46 5.00 -1.95
O3' DNR A 2 -4.33 5.90 -0.87
H5' DNR A 2 -4.67 1.53 -1.60
H5'' DNR A 2 -5.91 2.70 -2.03
H4' DNR A 2 -4.22 3.54 -0.37
H1' DNR A 2 -1.82 5.35 -1.68
H6 DNR A 2 -2.31 3.67 -4.98
HN3 DNR A 2 2.18 4.05 -3.27
H41 DNR A 2 3.03 3.66 -5.28
H42 DNR A 2 1.95 3.39 -6.68
H5 DNR A 2 -0.44 3.20 -6.46
H2' DNR A 2 -3.74 4.75 -3.94
H2'' DNR A 2 -3.31 6.31 -3.20
H3' DNR A 2 -5.47 5.00 -2.34
P DNR A 6 -1.57 2.55 5.41
OP1 DNR A 6 -2.68 3.07 6.23
OP2 DNR A 6 -0.51 1.73 6.01
O5' DNR A 6 -2.15 1.80 4.13
C5' DNR A 6 -3.34 2.23 3.50
C4' DNR A 6 -3.37 1.67 2.07
O4' DNR A 6 -2.35 2.30 1.32
C1' DNR A 6 -1.76 1.39 0.43
N1 DNR A 6 -0.29 1.53 0.46
C6 DNR A 6 0.41 1.77 1.61
C2 DNR A 6 0.37 1.35 -0.75
O2 DNR A 6 -0.19 1.15 -1.82
N3 DNR A 6 1.74 1.38 -0.74
C4 DNR A 6 2.44 1.59 0.37
N4 DNR A 6 3.72 1.43 0.27
C5 DNR A 6 1.78 1.79 1.61
C2' DNR A 6 -2.24 -0.01 0.79
C3' DNR A 6 -3.12 0.15 2.02
O3' DNR A 6 -4.27 -0.60 1.72
H5' DNR A 6 -3.38 3.31 3.45
H5'' DNR A 6 -4.20 1.88 4.08
H4' DNR A 6 -4.33 1.88 1.61
H1' DNR A 6 -2.13 1.59 -0.57
H6 DNR A 6 -0.13 1.92 2.54
HN3 DNR A 6 2.22 1.23 -1.61
H41 DNR A 6 4.17 1.26 -0.64
H42 DNR A 6 4.31 1.62 1.07
H5 DNR A 6 2.31 1.96 2.53
H2' DNR A 6 -1.41 -0.70 0.99
H2'' DNR A 6 -2.85 -0.38 -0.03
H3' DNR A 6 -2.61 -0.23 2.91
P DNR A 7 -5.43 -0.80 2.81
OP1 DNR A 7 -6.00 0.52 3.10
OP2 DNR A 7 -4.87 -1.64 3.88
O5' DNR A 7 -6.56 -1.64 2.02
C5' DNR A 7 -6.47 -3.04 1.88
C4' DNR A 7 -6.08 -3.47 0.45
O4' DNR A 7 -4.71 -3.17 0.16
C1' DNR A 7 -3.98 -4.37 0.03
N1 DNR A 7 -2.64 -4.23 0.66
C6 DNR A 7 -2.49 -3.73 1.93
C2 DNR A 7 -1.53 -4.64 -0.07
O2 DNR A 7 -1.56 -5.05 -1.22
N3 DNR A 7 -0.31 -4.57 0.54
C4 DNR A 7 -0.15 -4.13 1.78
N4 DNR A 7 1.07 -4.11 2.26
C5 DNR A 7 -1.26 -3.67 2.52
C2' DNR A 7 -4.83 -5.45 0.68
C3' DNR A 7 -6.23 -4.99 0.36
O3' DNR A 7 -6.63 -5.36 -0.94
H5' DNR A 7 -7.46 -3.45 2.10
H5'' DNR A 7 -5.77 -3.47 2.59
H4' DNR A 7 -6.74 -2.98 -0.26
H1' DNR A 7 -3.88 -4.66 -1.01
H6 DNR A 7 -3.36 -3.38 2.48
HN3 DNR A 7 0.49 -4.85 -0.03
H41 DNR A 7 1.85 -4.48 1.68
H42 DNR A 7 1.18 -4.10 3.27
H5 DNR A 7 -1.18 -3.30 3.54
H2' DNR A 7 -4.67 -5.50 1.76
H2'' DNR A 7 -4.63 -6.40 0.19
H3' DNR A 7 -6.94 -5.35 1.11
P DNR A 19 9.76 -4.50 3.51
OP1 DNR A 19 10.17 -5.91 3.34
OP2 DNR A 19 10.61 -3.64 4.35
O5' DNR A 19 9.61 -3.79 2.09
C5' DNR A 19 9.33 -2.41 2.04
C4' DNR A 19 8.70 -2.05 0.70
O4' DNR A 19 7.41 -2.61 0.57
C1' DNR A 19 6.67 -1.82 -0.34
N1 DNR A 19 5.25 -1.80 0.07
C6 DNR A 19 4.91 -1.65 1.39
C2 DNR A 19 4.26 -1.93 -0.91
O2 DNR A 19 4.46 -2.22 -2.07
N3 DNR A 19 2.96 -1.73 -0.52
C4 DNR A 19 2.63 -1.60 0.76
N4 DNR A 19 1.39 -1.39 1.03
C5 DNR A 19 3.61 -1.56 1.77
C2' DNR A 19 7.33 -0.43 -0.37
C3' DNR A 19 8.50 -0.54 0.59
O3' DNR A 19 9.68 0.02 0.07
H5' DNR A 19 10.25 -1.84 2.20
H5'' DNR A 19 8.63 -2.15 2.85
H4' DNR A 19 9.34 -2.40 -0.11
H1' DNR A 19 6.77 -2.26 -1.33
H6 DNR A 19 5.70 -1.64 2.13
HN3 DNR A 19 2.27 -1.87 -1.24
H41 DNR A 19 0.71 -1.54 0.27
H42 DNR A 19 1.11 -1.36 1.99
H5 DNR A 19 3.36 -1.45 2.82
H2' DNR A 19 6.64 0.36 -0.06
H2'' DNR A 19 7.68 -0.23 -1.38
H3' DNR A 19 8.24 -0.12 1.56
P DNR A 2 -4.94 1.99 -4.43
OP1 DNR A 2 -6.28 2.59 -4.50
OP2 DNR A 2 -4.06 1.99 -5.62
O5' DNR A 2 -4.12 2.72 -3.27
C5' DNR A 2 -4.61 2.79 -1.94
C4' DNR A 2 -3.90 3.91 -1.17
O4' DNR A 2 -2.49 3.82 -1.32
C1' DNR A 2 -2.04 4.88 -2.13
N1 DNR A 2 -1.00 4.36 -3.07
C6 DNR A 2 -1.29 3.89 -4.35
C2 DNR A 2 0.30 4.36 -2.61
O2 DNR A 2 0.62 4.64 -1.46
N3 DNR A 2 1.29 3.99 -3.47
C4 DNR A 2 1.04 3.58 -4.72
N4 DNR A 2 2.07 3.42 -5.50
C5 DNR A 2 -0.28 3.53 -5.19
C2' DNR A 2 -3.27 5.56 -2.74
C3' DNR A 2 -4.31 5.30 -1.67
O3' DNR A 2 -4.23 6.22 -0.61
H5' DNR A 2 -4.45 1.84 -1.44
H5'' DNR A 2 -5.69 3.01 -1.95
H4' DNR A 2 -4.16 3.83 -0.12
H1' DNR A 2 -1.59 5.65 -1.51
H6 DNR A 2 -2.32 3.81 -4.69
HN3 DNR A 2 2.24 4.04 -3.13
H41 DNR A 2 3.02 3.61 -5.15
H42 DNR A 2 1.90 3.31 -6.50
H5 DNR A 2 -0.52 3.21 -6.19
H2' DNR A 2 -3.59 5.12 -3.68
H2'' DNR A 2 -3.10 6.62 -2.84
H3' DNR A 2 -5.32 5.29 -2.09
P DNR A 6 -1.84 3.04 5.30
OP1 DNR A 6 -3.05 3.55 5.97
OP2 DNR A 6 -0.78 2.36 6.07
O5' DNR A 6 -2.24 2.10 4.06
C5' DNR A 6 -3.46 2.29 3.37
C4' DNR A 6 -3.36 1.61 2.01
O4' DNR A 6 -2.34 2.28 1.27
C1' DNR A 6 -1.68 1.36 0.44
N1 DNR A 6 -0.23 1.58 0.46
C6 DNR A 6 0.46 1.79 1.63
C2 DNR A 6 0.45 1.43 -0.74
O2 DNR A 6 -0.10 1.27 -1.83
N3 DNR A 6 1.81 1.42 -0.71
C4 DNR A 6 2.51 1.61 0.41
N4 DNR A 6 3.79 1.43 0.33
C5 DNR A 6 1.83 1.80 1.65
C2' DNR A 6 -2.07 -0.04 0.88
C3' DNR A 6 -2.98 0.13 2.09
O3' DNR A 6 -4.03 -0.76 1.83
H5' DNR A 6 -3.67 3.34 3.24
H5'' DNR A 6 -4.28 1.84 3.95
H4' DNR A 6 -4.31 1.71 1.48
H1' DNR A 6 -2.08 1.50 -0.57
H6 DNR A 6 -0.10 1.93 2.55
HN3 DNR A 6 2.30 1.26 -1.59
H41 DNR A 6 4.24 1.27 -0.59
H42 DNR A 6 4.35 1.61 1.14
H5 DNR A 6 2.35 1.94 2.58
H2' DNR A 6 -1.21 -0.65 1.15
H2'' DNR A 6 -2.62 -0.51 0.08
H3' DNR A 6 -2.45 -0.11 3.02
P DNR A 7 -5.24 -0.99 2.85
OP1 DNR A 7 -6.09 0.22 2.83
OP2 DNR A 7 -4.67 -1.52 4.10
O5' DNR A 7 -6.01 -2.18 2.09
C5' DNR A 7 -6.57 -2.00 0.80
C4' DNR A 7 -6.05 -3.04 -0.20
O4' DNR A 7 -4.62 -2.96 -0.27
C1' DNR A 7 -4.09 -4.24 -0.02
N1 DNR A 7 -2.76 -4.12 0.63
C6 DNR A 7 -2.61 -3.67 1.93
C2 DNR A 7 -1.64 -4.49 -0.10
O2 DNR A 7 -1.68 -4.85 -1.27
N3 DNR A 7 -0.43 -4.45 0.51
C4 DNR A 7 -0.27 -4.06 1.77
N4 DNR A 7 0.93 -4.09 2.28
C5 DNR A 7 -1.39 -3.63 2.52
C2' DNR A 7 -5.14 -4.96 0.83
C3' DNR A 7 -6.42 -4.47 0.17
O3' DNR A 7 -6.71 -5.17 -1.02
H5' DNR A 7 -6.33 -1.00 0.42
H5'' DNR A 7 -7.65 -2.09 0.87
H4' DNR A 7 -6.47 -2.82 -1.17
H1' DNR A 7 -4.01 -4.78 -0.96
H6 DNR A 7 -3.49 -3.34 2.48
HN3 DNR A 7 0.37 -4.73 -0.05
H41 DNR A 7 1.70 -4.47 1.72
H42 DNR A 7 1.01 -4.11 3.27
H5 DNR A 7 -1.32 -3.30 3.54
H2' DNR A 7 -5.13 -4.63 1.87
H2'' DNR A 7 -5.05 -6.04 0.79
H3' DNR A 7 -7.27 -4.51 0.87
P DNR A 19 9.65 -4.51 3.59
OP1 DNR A 19 10.06 -5.93 3.40
OP2 DNR A 19 10.38 -3.66 4.55
O5' DNR A 19 9.57 -3.78 2.17
C5' DNR A 19 9.29 -2.39 2.11
C4' DNR A 19 8.72 -2.04 0.74
O4' DNR A 19 7.43 -2.58 0.58
C1' DNR A 19 6.70 -1.80 -0.34
N1 DNR A 19 5.28 -1.77 0.09
C6 DNR A 19 4.95 -1.67 1.41
C2 DNR A 19 4.29 -1.90 -0.89
O2 DNR A 19 4.49 -2.20 -2.05
N3 DNR A 19 3.00 -1.71 -0.50
C4 DNR A 19 2.67 -1.61 0.79
N4 DNR A 19 1.43 -1.40 1.07
C5 DNR A 19 3.66 -1.58 1.80
C2' DNR A 19 7.38 -0.44 -0.39
C3' DNR A 19 8.55 -0.53 0.57
O3' DNR A 19 9.73 -0.02 0.02
H5' DNR A 19 10.21 -1.83 2.28
H5'' DNR A 19 8.56 -2.11 2.87
H4' DNR A 19 9.38 -2.42 -0.05
H1' DNR A 19 6.79 -2.26 -1.32
H6 DNR A 19 5.74 -1.66 2.15
HN3 DNR A 19 2.29 -1.85 -1.22
H41 DNR A 19 0.75 -1.50 0.30
H42 DNR A 19 1.14 -1.38 2.02
H5 DNR A 19 3.40 -1.51 2.85
H2' DNR A 19 6.70 0.37 -0.09
H2'' DNR A 19 7.73 -0.26 -1.39
H3' DNR A 19 8.31 -0.07 1.53
P DNR A 2 -4.71 2.31 -5.01
OP1 DNR A 2 -6.07 2.86 -5.15
OP2 DNR A 2 -3.71 2.54 -6.08
O5' DNR A 2 -4.06 2.92 -3.69
C5' DNR A 2 -4.72 2.94 -2.44
C4' DNR A 2 -4.05 3.98 -1.51
O4' DNR A 2 -2.63 3.87 -1.57
C1' DNR A 2 -2.09 4.99 -2.24
N1 DNR A 2 -0.97 4.53 -3.11
C6 DNR A 2 -1.16 4.05 -4.39
C2 DNR A 2 0.31 4.56 -2.57
O2 DNR A 2 0.56 4.86 -1.40
N3 DNR A 2 1.36 4.22 -3.37
C4 DNR A 2 1.19 3.82 -4.63
N4 DNR A 2 2.26 3.66 -5.36
C5 DNR A 2 -0.11 3.73 -5.19
C2' DNR A 2 -3.25 5.72 -2.89
C3' DNR A 2 -4.38 5.41 -1.93
O3' DNR A 2 -4.34 6.23 -0.78
H5' DNR A 2 -4.66 1.96 -1.98
H5'' DNR A 2 -5.77 3.21 -2.56
H4' DNR A 2 -4.39 3.82 -0.50
H1' DNR A 2 -1.71 5.70 -1.52
H6 DNR A 2 -2.15 3.93 -4.78
HN3 DNR A 2 2.29 4.29 -2.99
H41 DNR A 2 3.20 3.85 -4.99
H42 DNR A 2 2.15 3.58 -6.37
H5 DNR A 2 -0.27 3.40 -6.20
H2' DNR A 2 -3.49 5.35 -3.89
H2'' DNR A 2 -3.07 6.78 -2.91
H3' DNR A 2 -5.36 5.47 -2.42
P DNR A 6 -1.79 3.06 5.18
OP1 DNR A 6 -2.95 3.47 5.97
OP2 DNR A 6 -0.74 2.21 5.76
O5' DNR A 6 -2.29 2.37 3.83
C5' DNR A 6 -3.47 2.79 3.17
C4' DNR A 6 -3.50 2.11 1.79
O4' DNR A 6 -2.41 2.58 1.03
C1' DNR A 6 -1.88 1.53 0.25
N1 DNR A 6 -0.40 1.57 0.36
C6 DNR A 6 0.25 1.79 1.55
C2 DNR A 6 0.32 1.45 -0.81
O2 DNR A 6 -0.18 1.33 -1.92
N3 DNR A 6 1.69 1.46 -0.72
C4 DNR A 6 2.34 1.65 0.42
N4 DNR A 6 3.63 1.53 0.38
C5 DNR A 6 1.61 1.82 1.62
C2' DNR A 6 -2.52 0.21 0.70
C3' DNR A 6 -3.39 0.59 1.89
O3' DNR A 6 -4.69 0.04 1.77
H5' DNR A 6 -3.47 3.87 3.04
H5'' DNR A 6 -4.34 2.49 3.74
H4' DNR A 6 -4.43 2.37 1.28
H1' DNR A 6 -2.18 1.68 -0.77
H6 DNR A 6 -0.34 1.92 2.46
HN3 DNR A 6 2.21 1.31 -1.58
H41 DNR A 6 4.12 1.36 -0.51
H42 DNR A 6 4.16 1.72 1.21
H5 DNR A 6 2.09 1.98 2.57
H2' DNR A 6 -1.77 -0.53 0.99
H2'' DNR A 6 -3.13 -0.16 -0.12
H3' DNR A 6 -2.92 0.29 2.82
P DNR A 7 -5.01 -1.48 2.16
OP1 DNR A 7 -6.44 -1.58 2.50
OP2 DNR A 7 -3.97 -1.97 3.09
O5' DNR A 7 -4.77 -2.28 0.80
C5' DNR A 7 -5.60 -2.10 -0.34
C4' DNR A 7 -5.35 -3.26 -1.33
O4' DNR A 7 -3.95 -3.45 -1.48
C1' DNR A 7 -3.60 -4.70 -0.91
N1 DNR A 7 -2.31 -4.55 -0.19
C6 DNR A 7 -2.21 -4.11 1.12
C2 DNR A 7 -1.17 -4.86 -0.91
O2 DNR A 7 -1.16 -5.14 -2.09
N3 DNR A 7 0.03 -4.80 -0.25
C4 DNR A 7 0.14 -4.45 1.03
N4 DNR A 7 1.33 -4.53 1.57
C5 DNR A 7 -1.01 -4.05 1.74
C2' DNR A 7 -4.79 -5.20 -0.10
C3' DNR A 7 -5.95 -4.59 -0.87
O3' DNR A 7 -6.27 -5.36 -2.02
H5' DNR A 7 -5.35 -1.15 -0.82
H5'' DNR A 7 -6.64 -2.10 -0.06
H4' DNR A 7 -5.78 -2.99 -2.30
H1' DNR A 7 -3.48 -5.41 -1.72
H6 DNR A 7 -3.09 -3.79 1.65
HN3 DNR A 7 0.85 -5.03 -0.80
H41 DNR A 7 2.13 -4.84 1.00
H42 DNR A 7 1.45 -4.55 2.58
H5 DNR A 7 -0.98 -3.74 2.78
H2' DNR A 7 -4.81 -4.83 0.92
H2'' DNR A 7 -4.85 -6.28 -0.12
H3' DNR A 7 -6.82 -4.44 -0.24
P DNR A 19 9.51 -4.33 3.98
OP1 DNR A 19 10.10 -5.68 3.87
OP2 DNR A 19 10.04 -3.37 4.98
O5' DNR A 19 9.47 -3.62 2.54
C5' DNR A 19 9.07 -2.28 2.43
C4' DNR A 19 8.60 -1.95 1.01
O4' DNR A 19 7.34 -2.54 0.74
C1' DNR A 19 6.65 -1.75 -0.21
N1 DNR A 19 5.20 -1.77 0.12
C6 DNR A 19 4.77 -1.65 1.42
C2 DNR A 19 4.29 -1.90 -0.92
O2 DNR A 19 4.58 -2.19 -2.07
N3 DNR A 19 2.97 -1.72 -0.63
C4 DNR A 19 2.53 -1.63 0.64
N4 DNR A 19 1.26 -1.47 0.81
C5 DNR A 19 3.44 -1.59 1.72
C2' DNR A 19 7.30 -0.37 -0.20
C3' DNR A 19 8.39 -0.45 0.86
O3' DNR A 19 9.60 0.12 0.39
H5' DNR A 19 9.92 -1.64 2.70
H5'' DNR A 19 8.25 -2.07 3.12
H4' DNR A 19 9.34 -2.30 0.28
H1' DNR A 19 6.82 -2.17 -1.20
H6 DNR A 19 5.51 -1.62 2.21
HN3 DNR A 19 2.30 -1.85 -1.39
H41 DNR A 19 0.62 -1.57 0.01
H42 DNR A 19 0.90 -1.41 1.75
H5 DNR A 19 3.13 -1.52 2.74
H2' DNR A 19 6.58 0.42 0.07
H2'' DNR A 19 7.72 -0.17 -1.18
H3' DNR A 19 8.07 0.00 1.80
P DNR A 2 -4.81 2.06 -4.75
OP1 DNR A 2 -6.20 2.55 -4.68
OP2 DNR A 2 -3.96 2.39 -5.92
O5' DNR A 2 -4.01 2.60 -3.46
C5' DNR A 2 -4.56 2.57 -2.16
C4' DNR A 2 -3.93 3.68 -1.30
O4' DNR A 2 -2.51 3.67 -1.40
C1' DNR A 2 -2.10 4.80 -2.16
N1 DNR A 2 -1.05 4.34 -3.10
C6 DNR A 2 -1.30 3.89 -4.38
C2 DNR A 2 0.25 4.33 -2.61
O2 DNR A 2 0.55 4.57 -1.45
N3 DNR A 2 1.26 4.01 -3.47
C4 DNR A 2 1.03 3.63 -4.73
N4 DNR A 2 2.07 3.52 -5.52
C5 DNR A 2 -0.29 3.57 -5.22
C2' DNR A 2 -3.34 5.45 -2.73
C3' DNR A 2 -4.39 5.08 -1.71
O3' DNR A 2 -4.34 5.90 -0.57
H5' DNR A 2 -4.37 1.60 -1.70
H5'' DNR A 2 -5.64 2.73 -2.20
H4' DNR A 2 -4.22 3.50 -0.26
H1' DNR A 2 -1.68 5.54 -1.48
H6 DNR A 2 -2.33 3.82 -4.74
HN3 DNR A 2 2.21 4.07 -3.12
H41 DNR A 2 3.01 3.69 -5.16
H42 DNR A 2 1.88 3.45 -6.53
H5 DNR A 2 -0.51 3.28 -6.24
H2' DNR A 2 -3.63 5.07 -3.72
H2'' DNR A 2 -3.23 6.53 -2.78
H3' DNR A 2 -5.40 5.06 -2.14
P DNR A 6 -1.55 2.39 5.23
OP1 DNR A 6 -2.73 2.77 6.03
OP2 DNR A 6 -0.42 1.66 5.84
O5' DNR A 6 -2.01 1.62 3.91
C5' DNR A 6 -3.23 1.94 3.27
C4' DNR A 6 -3.18 1.47 1.82
O4' DNR A 6 -2.14 2.16 1.16
C1' DNR A 6 -1.53 1.29 0.22
N1 DNR A 6 -0.07 1.44 0.28
C6 DNR A 6 0.62 1.61 1.46
C2 DNR A 6 0.61 1.32 -0.92
O2 DNR A 6 0.07 1.16 -2.00
N3 DNR A 6 1.97 1.36 -0.88
C4 DNR A 6 2.65 1.53 0.25
N4 DNR A 6 3.94 1.40 0.17
C5 DNR A 6 1.97 1.65 1.48
C2' DNR A 6 -1.98 -0.13 0.48
C3' DNR A 6 -2.92 -0.02 1.66
O3' DNR A 6 -4.08 -0.62 1.16
H5' DNR A 6 -3.38 3.02 3.28
H5'' DNR A 6 -4.06 1.46 3.80
H4' DNR A 6 -4.13 1.72 1.33
H1' DNR A 6 -1.89 1.57 -0.77
H6 DNR A 6 0.04 1.69 2.39
HN3 DNR A 6 2.46 1.22 -1.76
H41 DNR A 6 4.39 1.27 -0.75
H42 DNR A 6 4.49 1.57 0.99
H5 DNR A 6 2.49 1.76 2.42
H2' DNR A 6 -1.16 -0.79 0.72
H2'' DNR A 6 -2.49 -0.50 -0.42
H3' DNR A 6 -2.51 -0.50 2.56
P DNR A 7 -5.09 -1.47 2.02
OP1 DNR A 7 -6.34 -0.71 2.18
OP2 DNR A 7 -4.37 -2.07 3.16
O5' DNR A 7 -5.29 -2.61 0.92
C5' DNR A 7 -5.81 -2.32 -0.36
C4' DNR A 7 -5.44 -3.43 -1.35
O4' DNR A 7 -4.02 -3.50 -1.49
C1' DNR A 7 -3.59 -4.75 -0.99
N1 DNR A 7 -2.30 -4.56 -0.29
C6 DNR A 7 -2.20 -4.02 0.97
C2 DNR A 7 -1.15 -4.91 -0.99
O2 DNR A 7 -1.13 -5.25 -2.17
N3 DNR A 7 0.04 -4.85 -0.32
C4 DNR A 7 0.14 -4.39 0.93
N4 DNR A 7 1.32 -4.41 1.47
C5 DNR A 7 -1.00 -3.91 1.60
C2' DNR A 7 -4.71 -5.35 -0.16
C3' DNR A 7 -5.93 -4.81 -0.88
O3' DNR A 7 -6.23 -5.59 -2.01
H5' DNR A 7 -5.41 -1.38 -0.74
H5'' DNR A 7 -6.90 -2.24 -0.28
H4' DNR A 7 -5.89 -3.20 -2.31
H1' DNR A 7 -3.46 -5.44 -1.83
H6 DNR A 7 -3.10 -3.68 1.48
HN3 DNR A 7 0.86 -5.09 -0.87
H41 DNR A 7 2.14 -4.72 0.93
H42 DNR A 7 1.43 -4.27 2.48
H5 DNR A 7 -0.97 -3.52 2.60
H2' DNR A 7 -4.69 -5.01 0.88
H2'' DNR A 7 -4.67 -6.42 -0.22
H3' DNR A 7 -6.79 -4.72 -0.22
P DNR A 19 8.46 -2.79 4.50
OP1 DNR A 19 9.79 -3.37 4.67
OP2 DNR A 19 7.95 -1.80 5.47
O5' DNR A 19 8.31 -2.16 3.04
C5' DNR A 19 9.19 -2.54 1.99
C4' DNR A 19 8.68 -2.00 0.66
O4' DNR A 19 7.44 -2.60 0.34
C1' DNR A 19 6.73 -1.73 -0.50
N1 DNR A 19 5.29 -1.79 -0.13
C6 DNR A 19 4.89 -1.68 1.17
C2 DNR A 19 4.37 -1.93 -1.16
O2 DNR A 19 4.64 -2.23 -2.31
N3 DNR A 19 3.06 -1.75 -0.86
C4 DNR A 19 2.65 -1.67 0.41
N4 DNR A 19 1.37 -1.52 0.58
C5 DNR A 19 3.56 -1.61 1.48
C2' DNR A 19 7.34 -0.34 -0.36
C3' DNR A 19 8.46 -0.49 0.66
O3' DNR A 19 9.64 0.15 0.23
H5' DNR A 19 9.26 -3.62 1.94
H5'' DNR A 19 10.17 -2.13 2.20
H4' DNR A 19 9.40 -2.24 -0.11
H1' DNR A 19 6.86 -2.04 -1.53
H6 DNR A 19 5.65 -1.64 1.96
HN3 DNR A 19 2.39 -1.91 -1.61
H41 DNR A 19 0.73 -1.65 -0.22
H42 DNR A 19 1.02 -1.52 1.52
H5 DNR A 19 3.26 -1.53 2.52
H2' DNR A 19 6.62 0.41 -0.01
H2'' DNR A 19 7.74 -0.04 -1.32
H3' DNR A 19 8.14 -0.13 1.65
P DNR A 2 -4.91 2.04 -4.46
OP1 DNR A 2 -6.23 2.69 -4.54
OP2 DNR A 2 -3.99 2.05 -5.62
O5' DNR A 2 -4.10 2.70 -3.25
C5' DNR A 2 -4.62 2.76 -1.94
C4' DNR A 2 -4.01 3.96 -1.19
O4' DNR A 2 -2.59 3.93 -1.29
C1' DNR A 2 -2.14 5.03 -2.06
N1 DNR A 2 -1.06 4.50 -2.97
C6 DNR A 2 -1.31 3.96 -4.21
C2 DNR A 2 0.24 4.57 -2.48
O2 DNR A 2 0.54 4.93 -1.35
N3 DNR A 2 1.26 4.17 -3.31
C4 DNR A 2 1.04 3.71 -4.54
N4 DNR A 2 2.08 3.51 -5.29
C5 DNR A 2 -0.28 3.59 -5.02
C2' DNR A 2 -3.35 5.68 -2.71
C3' DNR A 2 -4.50 5.27 -1.81
O3' DNR A 2 -4.89 6.29 -0.89
H5' DNR A 2 -4.39 1.84 -1.40
H5'' DNR A 2 -5.71 2.89 -1.97
H4' DNR A 2 -4.33 3.89 -0.15
H1' DNR A 2 -1.71 5.78 -1.41
H6 DNR A 2 -2.33 3.81 -4.55
HN3 DNR A 2 2.21 4.27 -2.97
H41 DNR A 2 3.02 3.70 -4.94
H42 DNR A 2 1.92 3.37 -6.29
H5 DNR A 2 -0.49 3.23 -6.02
H2' DNR A 2 -3.54 5.34 -3.72
H2'' DNR A 2 -3.24 6.77 -2.68
H3' DNR A 2 -5.36 5.09 -2.44
P DNR A 6 -2.97 4.02 5.26
OP1 DNR A 6 -3.69 5.31 5.39
OP2 DNR A 6 -2.76 3.16 6.45
O5' DNR A 6 -3.64 3.15 4.09
C5' DNR A 6 -3.26 1.81 3.87
C4' DNR A 6 -3.24 1.51 2.36
O4' DNR A 6 -2.24 2.30 1.75
C1' DNR A 6 -1.68 1.60 0.65
N1 DNR A 6 -0.22 1.79 0.59
C6 DNR A 6 0.54 2.05 1.70
C2 DNR A 6 0.39 1.55 -0.65
O2 DNR A 6 -0.21 1.32 -1.68
N3 DNR A 6 1.75 1.54 -0.67
C4 DNR A 6 2.50 1.77 0.41
N4 DNR A 6 3.78 1.56 0.28
C5 DNR A 6 1.90 2.03 1.66
C2' DNR A 6 -2.07 0.14 0.79
C3' DNR A 6 -2.88 0.06 2.08
O3' DNR A 6 -3.95 -0.76 1.70
H5' DNR A 6 -3.97 1.14 4.38
H5'' DNR A 6 -2.26 1.63 4.27
H4' DNR A 6 -4.21 1.74 1.93
H1' DNR A 6 -2.14 1.96 -0.26
H6 DNR A 6 0.02 2.26 2.64
HN3 DNR A 6 2.20 1.33 -1.56
H41 DNR A 6 4.20 1.35 -0.64
H42 DNR A 6 4.38 1.76 1.07
H5 DNR A 6 2.47 2.22 2.55
H2' DNR A 6 -1.21 -0.51 0.88
H2'' DNR A 6 -2.67 -0.14 -0.06
H3' DNR A 6 -2.28 -0.38 2.88
P DNR A 7 -4.98 -1.38 2.75
OP1 DNR A 7 -6.06 -0.41 3.01
OP2 DNR A 7 -4.19 -1.98 3.84
O5' DNR A 7 -5.53 -2.56 1.81
C5' DNR A 7 -6.13 -2.28 0.57
C4' DNR A 7 -5.69 -3.31 -0.48
O4' DNR A 7 -4.27 -3.26 -0.64
C1' DNR A 7 -3.74 -4.55 -0.40
N1 DNR A 7 -2.40 -4.43 0.23
C6 DNR A 7 -2.23 -3.91 1.49
C2 DNR A 7 -1.29 -4.82 -0.52
O2 DNR A 7 -1.34 -5.18 -1.69
N3 DNR A 7 -0.06 -4.76 0.08
C4 DNR A 7 0.12 -4.32 1.33
N4 DNR A 7 1.33 -4.34 1.81
C5 DNR A 7 -0.99 -3.85 2.07
C2' DNR A 7 -4.77 -5.29 0.44
C3' DNR A 7 -6.07 -4.74 -0.09
O3' DNR A 7 -6.48 -5.42 -1.25
H5' DNR A 7 -5.85 -1.29 0.20
H5'' DNR A 7 -7.23 -2.32 0.68
H4' DNR A 7 -6.17 -3.07 -1.43
H1' DNR A 7 -3.68 -5.09 -1.34
H6 DNR A 7 -3.10 -3.54 2.05
HN3 DNR A 7 0.73 -5.02 -0.50
H41 DNR A 7 2.11 -4.70 1.22
H42 DNR A 7 1.48 -4.33 2.81
H5 DNR A 7 -0.91 -3.46 3.08
H2' DNR A 7 -4.68 -5.06 1.51
H2'' DNR A 7 -4.70 -6.35 0.27
H3' DNR A 7 -6.86 -4.74 0.67
P DNR A 19 9.58 -4.32 3.85
OP1 DNR A 19 9.95 -5.74 3.74
OP2 DNR A 19 10.36 -3.40 4.69
O5' DNR A 19 9.42 -3.69 2.38
C5' DNR A 19 9.11 -2.33 2.24
C4' DNR A 19 8.61 -2.03 0.83
O4' DNR A 19 7.32 -2.60 0.60
C1' DNR A 19 6.64 -1.81 -0.34
N1 DNR A 19 5.21 -1.74 0.06
C6 DNR A 19 4.87 -1.53 1.37
C2 DNR A 19 4.24 -1.90 -0.92
O2 DNR A 19 4.46 -2.25 -2.07
N3 DNR A 19 2.95 -1.67 -0.56
C4 DNR A 19 2.60 -1.49 0.71
N4 DNR A 19 1.34 -1.32 0.96
C5 DNR A 19 3.57 -1.42 1.73
C2' DNR A 19 7.32 -0.44 -0.38
C3' DNR A 19 8.42 -0.52 0.67
O3' DNR A 19 9.63 0.05 0.25
H5' DNR A 19 10.00 -1.74 2.45
H5'' DNR A 19 8.33 -2.05 2.96
H4' DNR A 19 9.32 -2.39 0.09
H1' DNR A 19 6.74 -2.25 -1.33
H6 DNR A 19 5.66 -1.48 2.12
HN3 DNR A 19 2.24 -1.83 -1.28
H41 DNR A 19 0.66 -1.48 0.21
H42 DNR A 19 1.05 -1.27 1.93
H5 DNR A 19 3.31 -1.27 2.78
H2' DNR A 19 6.65 0.38 -0.15
H2'' DNR A 19 7.75 -0.30 -1.36
H3' DNR A 19 8.08 -0.09 1.61
#